data_2OKQ
#
_entry.id   2OKQ
#
_cell.length_a   61.843
_cell.length_b   61.843
_cell.length_c   137.320
_cell.angle_alpha   90.00
_cell.angle_beta   90.00
_cell.angle_gamma   90.00
#
_symmetry.space_group_name_H-M   'P 41 21 2'
#
loop_
_entity.id
_entity.type
_entity.pdbx_description
1 polymer 'Hypothetical protein ybaA'
2 non-polymer 'SODIUM ION'
3 water water
#
_entity_poly.entity_id   1
_entity_poly.type   'polypeptide(L)'
_entity_poly.pdbx_seq_one_letter_code
;MHHHHHHSSGVDLGTENLYFQSNAMKYVDGFVVAVPADKKDAYREMAAKAAPLFKEFGALRIVECWASDVPDGKVTDFRM
AVKAEENEEVVFSWIEYPSKEVRDAANQKMMSDPRMKEFGESMPFDGKRMIYGGFESIIDE
;
_entity_poly.pdbx_strand_id   A,B
#
# COMPACT_ATOMS: atom_id res chain seq x y z
N THR A 15 -2.50 -9.08 -18.63
CA THR A 15 -1.87 -10.44 -18.72
C THR A 15 -0.39 -10.37 -18.36
N GLU A 16 0.18 -11.49 -17.90
CA GLU A 16 1.59 -11.53 -17.48
C GLU A 16 2.46 -11.04 -18.64
N ASN A 17 3.40 -10.15 -18.34
CA ASN A 17 4.32 -9.64 -19.35
C ASN A 17 5.59 -9.28 -18.61
N LEU A 18 6.63 -10.08 -18.79
CA LEU A 18 7.81 -9.95 -17.94
C LEU A 18 8.57 -8.67 -18.21
N TYR A 19 8.41 -8.12 -19.41
CA TYR A 19 9.11 -6.86 -19.79
C TYR A 19 8.50 -5.70 -18.99
N PHE A 20 7.18 -5.65 -19.00
CA PHE A 20 6.47 -4.63 -18.22
C PHE A 20 6.67 -4.87 -16.74
N GLN A 21 6.59 -6.12 -16.31
CA GLN A 21 6.80 -6.49 -14.92
C GLN A 21 8.14 -5.99 -14.39
N SER A 22 9.18 -6.15 -15.21
CA SER A 22 10.53 -5.81 -14.82
C SER A 22 10.79 -4.29 -14.83
N ASN A 23 10.19 -3.60 -15.79
CA ASN A 23 10.57 -2.24 -16.12
C ASN A 23 9.58 -1.13 -15.80
N ALA A 24 8.32 -1.48 -15.61
CA ALA A 24 7.28 -0.45 -15.63
C ALA A 24 7.31 0.44 -14.39
N MET A 25 7.14 -0.14 -13.21
CA MET A 25 7.04 0.67 -11.98
C MET A 25 8.41 1.03 -11.41
N LYS A 26 8.59 2.30 -11.02
CA LYS A 26 9.80 2.71 -10.27
C LYS A 26 9.46 3.55 -9.04
N TYR A 27 8.24 4.06 -8.99
CA TYR A 27 7.82 4.99 -7.93
C TYR A 27 6.39 4.69 -7.50
N VAL A 28 6.13 4.80 -6.20
CA VAL A 28 4.80 4.45 -5.65
C VAL A 28 4.31 5.55 -4.73
N ASP A 29 3.06 5.97 -4.87
CA ASP A 29 2.42 6.82 -3.87
C ASP A 29 1.64 5.88 -2.98
N GLY A 30 1.95 5.86 -1.70
CA GLY A 30 1.24 4.98 -0.75
C GLY A 30 0.25 5.78 0.08
N PHE A 31 -0.91 5.16 0.37
CA PHE A 31 -1.97 5.83 1.14
C PHE A 31 -2.46 4.82 2.18
N VAL A 32 -2.68 5.27 3.40
CA VAL A 32 -3.43 4.48 4.39
C VAL A 32 -4.53 5.40 4.89
N VAL A 33 -5.75 4.87 4.90
N VAL A 33 -5.78 4.95 4.82
CA VAL A 33 -6.95 5.67 5.10
CA VAL A 33 -6.89 5.83 5.22
C VAL A 33 -7.82 4.98 6.17
C VAL A 33 -7.94 5.08 6.02
N ALA A 34 -8.48 5.77 7.03
CA ALA A 34 -9.56 5.24 7.88
C ALA A 34 -10.88 5.60 7.19
N VAL A 35 -11.72 4.60 6.93
CA VAL A 35 -12.97 4.81 6.21
C VAL A 35 -14.11 4.22 7.06
N PRO A 36 -15.22 4.98 7.24
N PRO A 36 -15.21 4.98 7.25
CA PRO A 36 -16.37 4.39 7.93
CA PRO A 36 -16.40 4.40 7.90
C PRO A 36 -16.82 3.09 7.24
C PRO A 36 -16.82 3.09 7.24
N ALA A 37 -17.02 2.04 8.05
CA ALA A 37 -17.34 0.71 7.53
C ALA A 37 -18.61 0.63 6.69
N ASP A 38 -19.59 1.44 7.03
CA ASP A 38 -20.84 1.51 6.28
C ASP A 38 -20.69 2.33 4.99
N LYS A 39 -19.51 2.92 4.78
CA LYS A 39 -19.26 3.69 3.56
C LYS A 39 -18.34 2.97 2.57
N LYS A 40 -18.22 1.65 2.71
CA LYS A 40 -17.35 0.85 1.86
C LYS A 40 -17.69 1.00 0.38
N ASP A 41 -18.99 0.94 0.05
CA ASP A 41 -19.45 1.07 -1.34
C ASP A 41 -19.20 2.46 -1.89
N ALA A 42 -19.52 3.49 -1.09
CA ALA A 42 -19.28 4.87 -1.49
C ALA A 42 -17.81 5.07 -1.82
N TYR A 43 -16.96 4.50 -0.97
CA TYR A 43 -15.52 4.62 -1.14
C TYR A 43 -15.06 3.93 -2.42
N ARG A 44 -15.50 2.70 -2.62
CA ARG A 44 -15.12 1.92 -3.79
C ARG A 44 -15.52 2.67 -5.06
N GLU A 45 -16.73 3.22 -5.07
CA GLU A 45 -17.23 4.00 -6.21
C GLU A 45 -16.41 5.26 -6.49
N MET A 46 -16.05 6.00 -5.44
CA MET A 46 -15.15 7.14 -5.58
C MET A 46 -13.81 6.75 -6.21
N ALA A 47 -13.21 5.67 -5.71
CA ALA A 47 -11.92 5.20 -6.23
C ALA A 47 -12.04 4.74 -7.68
N ALA A 48 -13.17 4.11 -8.02
CA ALA A 48 -13.38 3.65 -9.39
C ALA A 48 -13.53 4.83 -10.34
N LYS A 49 -14.03 5.95 -9.84
CA LYS A 49 -14.10 7.19 -10.63
C LYS A 49 -12.73 7.84 -10.78
N ALA A 50 -11.97 7.90 -9.68
CA ALA A 50 -10.63 8.49 -9.72
C ALA A 50 -9.64 7.68 -10.53
N ALA A 51 -9.69 6.34 -10.43
CA ALA A 51 -8.66 5.49 -11.04
C ALA A 51 -8.35 5.74 -12.52
N PRO A 52 -9.37 5.75 -13.41
CA PRO A 52 -9.09 6.05 -14.83
C PRO A 52 -8.47 7.44 -15.06
N LEU A 53 -8.74 8.39 -14.18
CA LEU A 53 -8.13 9.73 -14.28
C LEU A 53 -6.64 9.65 -14.00
N PHE A 54 -6.27 8.96 -12.92
CA PHE A 54 -4.85 8.77 -12.62
C PHE A 54 -4.14 8.08 -13.78
N LYS A 55 -4.78 7.08 -14.38
CA LYS A 55 -4.15 6.37 -15.49
C LYS A 55 -3.92 7.30 -16.69
N GLU A 56 -4.90 8.15 -16.94
CA GLU A 56 -4.81 9.15 -18.01
C GLU A 56 -3.58 10.03 -17.82
N PHE A 57 -3.28 10.33 -16.57
CA PHE A 57 -2.17 11.22 -16.24
C PHE A 57 -0.83 10.50 -16.06
N GLY A 58 -0.80 9.19 -16.30
CA GLY A 58 0.47 8.47 -16.34
C GLY A 58 0.67 7.37 -15.29
N ALA A 59 -0.30 7.21 -14.38
CA ALA A 59 -0.26 6.09 -13.44
C ALA A 59 -0.34 4.74 -14.14
N LEU A 60 0.41 3.76 -13.63
CA LEU A 60 0.45 2.41 -14.19
C LEU A 60 -0.66 1.55 -13.61
N ARG A 61 -1.02 1.80 -12.35
CA ARG A 61 -1.93 0.90 -11.65
C ARG A 61 -2.40 1.59 -10.39
N ILE A 62 -3.66 1.36 -10.02
CA ILE A 62 -4.21 1.94 -8.80
C ILE A 62 -4.85 0.78 -8.06
N VAL A 63 -4.46 0.59 -6.80
CA VAL A 63 -4.96 -0.55 -6.03
C VAL A 63 -5.49 -0.06 -4.70
N GLU A 64 -6.69 -0.48 -4.28
CA GLU A 64 -7.23 -0.08 -3.00
C GLU A 64 -7.65 -1.37 -2.30
N CYS A 65 -7.24 -1.53 -1.04
CA CYS A 65 -7.41 -2.82 -0.35
C CYS A 65 -8.08 -2.55 0.99
N TRP A 66 -9.11 -3.34 1.30
CA TRP A 66 -9.92 -3.12 2.51
C TRP A 66 -9.51 -4.10 3.59
N ALA A 67 -9.47 -3.64 4.85
CA ALA A 67 -9.00 -4.46 5.97
C ALA A 67 -9.63 -5.83 5.94
N SER A 68 -8.80 -6.85 6.13
CA SER A 68 -9.31 -8.23 6.23
C SER A 68 -8.83 -8.90 7.50
N ASP A 69 -7.52 -8.82 7.74
CA ASP A 69 -6.90 -9.42 8.92
C ASP A 69 -5.80 -8.49 9.41
N VAL A 70 -6.20 -7.53 10.24
CA VAL A 70 -5.33 -6.44 10.63
C VAL A 70 -5.16 -6.49 12.16
N PRO A 71 -4.02 -6.99 12.62
CA PRO A 71 -3.80 -7.17 14.06
C PRO A 71 -3.71 -5.86 14.81
N ASP A 72 -4.06 -5.94 16.10
CA ASP A 72 -3.95 -4.83 17.03
C ASP A 72 -2.66 -5.00 17.84
N GLY A 73 -1.89 -3.93 18.00
CA GLY A 73 -0.68 -3.99 18.80
C GLY A 73 -0.73 -2.96 19.93
N LYS A 74 0.28 -2.98 20.80
CA LYS A 74 0.35 -1.97 21.88
C LYS A 74 1.34 -0.87 21.56
N VAL A 75 2.26 -1.10 20.61
CA VAL A 75 3.23 -0.05 20.28
C VAL A 75 2.77 0.74 19.05
N THR A 76 2.59 0.02 17.94
N THR A 76 2.50 0.04 17.95
CA THR A 76 2.01 0.58 16.71
CA THR A 76 1.80 0.68 16.85
C THR A 76 1.10 -0.45 16.06
C THR A 76 1.19 -0.40 15.97
N ASP A 77 0.18 0.01 15.21
CA ASP A 77 -0.56 -0.90 14.32
C ASP A 77 -1.28 -0.07 13.28
N PHE A 78 -1.91 -0.72 12.31
CA PHE A 78 -2.53 0.04 11.21
C PHE A 78 -3.66 0.98 11.66
N ARG A 79 -4.45 0.54 12.64
CA ARG A 79 -5.51 1.38 13.18
C ARG A 79 -4.95 2.62 13.91
N MET A 80 -3.90 2.44 14.68
CA MET A 80 -3.26 3.55 15.40
C MET A 80 -2.68 4.55 14.41
N ALA A 81 -2.17 4.03 13.29
CA ALA A 81 -1.54 4.84 12.25
C ALA A 81 -2.47 5.89 11.64
N VAL A 82 -3.76 5.58 11.53
CA VAL A 82 -4.74 6.54 11.00
C VAL A 82 -5.78 6.97 12.06
N LYS A 83 -5.42 6.73 13.32
CA LYS A 83 -6.28 7.03 14.48
C LYS A 83 -7.73 6.65 14.19
N ALA A 84 -7.88 5.39 13.78
CA ALA A 84 -9.14 4.85 13.32
C ALA A 84 -10.14 4.86 14.46
N GLU A 85 -11.37 5.26 14.15
CA GLU A 85 -12.45 5.23 15.15
C GLU A 85 -13.26 3.94 15.05
N GLU A 86 -14.06 3.65 16.10
CA GLU A 86 -14.69 2.34 16.23
C GLU A 86 -15.51 1.92 15.01
N ASN A 87 -16.10 2.90 14.35
CA ASN A 87 -16.96 2.67 13.19
C ASN A 87 -16.20 2.60 11.85
N GLU A 88 -14.87 2.64 11.93
CA GLU A 88 -14.04 2.80 10.74
C GLU A 88 -13.19 1.55 10.49
N GLU A 89 -12.82 1.34 9.23
CA GLU A 89 -11.91 0.26 8.83
C GLU A 89 -10.72 0.88 8.10
N VAL A 90 -9.60 0.18 8.09
CA VAL A 90 -8.37 0.68 7.47
C VAL A 90 -8.32 0.26 6.00
N VAL A 91 -7.98 1.22 5.12
CA VAL A 91 -7.75 0.91 3.73
C VAL A 91 -6.25 1.10 3.45
N PHE A 92 -5.65 0.15 2.72
CA PHE A 92 -4.24 0.17 2.32
C PHE A 92 -4.31 0.30 0.82
N SER A 93 -3.71 1.36 0.27
CA SER A 93 -3.79 1.60 -1.16
CA SER A 93 -3.82 1.67 -1.15
C SER A 93 -2.53 2.24 -1.70
N TRP A 94 -2.36 2.13 -3.02
CA TRP A 94 -1.21 2.72 -3.65
C TRP A 94 -1.47 2.96 -5.13
N ILE A 95 -0.61 3.80 -5.70
CA ILE A 95 -0.64 4.08 -7.14
C ILE A 95 0.79 3.93 -7.65
N GLU A 96 0.96 3.14 -8.71
CA GLU A 96 2.26 2.85 -9.27
C GLU A 96 2.55 3.80 -10.43
N TYR A 97 3.79 4.25 -10.51
CA TYR A 97 4.23 5.22 -11.54
C TYR A 97 5.56 4.77 -12.13
N PRO A 98 5.84 5.17 -13.39
CA PRO A 98 7.11 4.81 -14.02
C PRO A 98 8.30 5.60 -13.47
N SER A 99 8.07 6.72 -12.77
CA SER A 99 9.15 7.55 -12.22
C SER A 99 8.55 8.57 -11.28
N LYS A 100 9.40 9.19 -10.47
CA LYS A 100 8.94 10.31 -9.61
C LYS A 100 8.45 11.46 -10.47
N GLU A 101 9.10 11.69 -11.61
N GLU A 101 9.14 11.69 -11.59
CA GLU A 101 8.72 12.82 -12.46
CA GLU A 101 8.78 12.73 -12.54
C GLU A 101 7.30 12.68 -13.01
C GLU A 101 7.31 12.64 -12.93
N VAL A 102 6.91 11.46 -13.40
CA VAL A 102 5.53 11.21 -13.82
C VAL A 102 4.56 11.30 -12.66
N ARG A 103 4.93 10.72 -11.51
CA ARG A 103 4.14 10.89 -10.28
C ARG A 103 3.89 12.40 -9.99
N ASP A 104 4.93 13.22 -10.06
CA ASP A 104 4.75 14.65 -9.76
C ASP A 104 3.80 15.34 -10.75
N ALA A 105 3.99 15.07 -12.04
CA ALA A 105 3.13 15.63 -13.11
C ALA A 105 1.67 15.20 -12.94
N ALA A 106 1.48 13.90 -12.69
CA ALA A 106 0.14 13.35 -12.49
C ALA A 106 -0.61 14.01 -11.33
N ASN A 107 0.05 14.15 -10.17
CA ASN A 107 -0.57 14.77 -9.01
C ASN A 107 -0.89 16.25 -9.23
N GLN A 108 -0.01 16.95 -9.93
CA GLN A 108 -0.29 18.35 -10.26
C GLN A 108 -1.54 18.48 -11.14
N LYS A 109 -1.62 17.63 -12.15
CA LYS A 109 -2.79 17.56 -13.05
C LYS A 109 -4.07 17.21 -12.30
N MET A 110 -4.01 16.18 -11.48
N MET A 110 -4.02 16.19 -11.46
CA MET A 110 -5.15 15.76 -10.69
CA MET A 110 -5.18 15.76 -10.68
C MET A 110 -5.73 16.94 -9.93
C MET A 110 -5.75 16.89 -9.83
N MET A 111 -4.85 17.70 -9.28
CA MET A 111 -5.27 18.84 -8.48
C MET A 111 -5.88 19.97 -9.30
N SER A 112 -5.57 20.03 -10.60
CA SER A 112 -6.14 21.07 -11.46
C SER A 112 -7.27 20.53 -12.33
N ASP A 113 -7.73 19.32 -12.03
CA ASP A 113 -8.81 18.71 -12.81
C ASP A 113 -10.18 18.90 -12.18
N PRO A 114 -11.14 19.49 -12.93
CA PRO A 114 -12.48 19.71 -12.40
C PRO A 114 -13.23 18.41 -12.19
N ARG A 115 -12.81 17.35 -12.88
CA ARG A 115 -13.39 16.01 -12.70
C ARG A 115 -13.20 15.47 -11.29
N MET A 116 -12.09 15.82 -10.65
CA MET A 116 -11.90 15.42 -9.24
C MET A 116 -12.21 16.52 -8.24
N LYS A 117 -12.51 17.71 -8.74
CA LYS A 117 -13.07 18.77 -7.91
C LYS A 117 -14.49 18.41 -7.53
N GLU A 118 -15.23 17.87 -8.49
CA GLU A 118 -16.62 17.46 -8.30
C GLU A 118 -16.68 16.21 -7.43
N PHE A 119 -16.82 15.04 -8.07
CA PHE A 119 -16.83 13.76 -7.36
C PHE A 119 -15.44 13.42 -6.81
N GLY A 120 -15.04 14.18 -5.79
CA GLY A 120 -13.74 14.05 -5.14
C GLY A 120 -13.75 14.83 -3.84
N GLU A 121 -14.48 15.95 -3.83
CA GLU A 121 -14.65 16.75 -2.61
C GLU A 121 -15.75 16.20 -1.70
N SER A 122 -16.46 15.16 -2.18
CA SER A 122 -17.41 14.42 -1.36
C SER A 122 -16.74 13.17 -0.79
N MET A 123 -15.59 13.37 -0.14
CA MET A 123 -14.79 12.30 0.45
C MET A 123 -15.52 11.54 1.55
N PRO A 124 -15.74 10.23 1.34
CA PRO A 124 -16.35 9.39 2.37
C PRO A 124 -15.38 9.01 3.48
N PHE A 125 -14.42 9.88 3.78
CA PHE A 125 -13.44 9.65 4.85
C PHE A 125 -12.84 10.96 5.34
N ASP A 126 -12.17 10.90 6.49
CA ASP A 126 -11.52 12.06 7.07
C ASP A 126 -10.13 12.29 6.49
N GLY A 127 -10.04 13.27 5.59
CA GLY A 127 -8.78 13.63 4.93
C GLY A 127 -7.63 13.96 5.85
N LYS A 128 -7.95 14.43 7.07
CA LYS A 128 -6.93 14.80 8.05
C LYS A 128 -6.15 13.60 8.55
N ARG A 129 -6.84 12.46 8.62
CA ARG A 129 -6.24 11.29 9.21
C ARG A 129 -5.61 10.34 8.18
N MET A 130 -5.85 10.60 6.90
CA MET A 130 -5.15 9.89 5.81
C MET A 130 -3.64 10.07 5.97
N ILE A 131 -2.86 9.01 5.77
CA ILE A 131 -1.41 9.18 5.69
C ILE A 131 -0.99 8.90 4.25
N TYR A 132 0.07 9.58 3.79
CA TYR A 132 0.40 9.59 2.36
C TYR A 132 1.87 9.85 2.19
N GLY A 133 2.49 9.26 1.18
CA GLY A 133 3.86 9.60 0.84
C GLY A 133 4.26 8.99 -0.48
N GLY A 134 5.31 9.56 -1.06
CA GLY A 134 5.94 9.01 -2.27
C GLY A 134 7.14 8.17 -1.87
N PHE A 135 7.28 7.02 -2.53
CA PHE A 135 8.35 6.09 -2.20
C PHE A 135 9.01 5.54 -3.46
N GLU A 136 10.32 5.35 -3.41
CA GLU A 136 11.04 4.77 -4.56
C GLU A 136 11.10 3.26 -4.45
N SER A 137 10.79 2.56 -5.54
CA SER A 137 10.91 1.10 -5.51
C SER A 137 12.36 0.63 -5.31
N ILE A 138 12.58 -0.24 -4.33
CA ILE A 138 13.90 -0.82 -4.14
C ILE A 138 13.94 -2.34 -4.39
N ILE A 139 12.80 -3.01 -4.21
CA ILE A 139 12.61 -4.42 -4.53
C ILE A 139 11.25 -4.59 -5.21
N ASP A 140 11.20 -5.32 -6.33
CA ASP A 140 9.93 -5.58 -7.01
C ASP A 140 10.19 -6.91 -7.73
N GLU A 141 9.69 -8.00 -7.14
CA GLU A 141 10.00 -9.33 -7.64
C GLU A 141 8.75 -10.17 -7.80
N GLU B 16 -22.28 -9.47 -15.78
CA GLU B 16 -22.01 -10.41 -14.65
C GLU B 16 -21.20 -11.61 -15.13
N ASN B 17 -20.07 -11.87 -14.48
CA ASN B 17 -19.37 -13.14 -14.65
C ASN B 17 -18.87 -13.59 -13.29
N LEU B 18 -19.49 -14.65 -12.76
CA LEU B 18 -19.18 -15.07 -11.39
C LEU B 18 -17.77 -15.63 -11.25
N TYR B 19 -17.23 -16.16 -12.34
CA TYR B 19 -15.87 -16.68 -12.32
C TYR B 19 -14.89 -15.52 -12.12
N PHE B 20 -15.09 -14.43 -12.86
CA PHE B 20 -14.28 -13.22 -12.66
C PHE B 20 -14.48 -12.63 -11.26
N GLN B 21 -15.75 -12.53 -10.84
CA GLN B 21 -16.10 -11.95 -9.54
C GLN B 21 -15.44 -12.65 -8.37
N SER B 22 -15.33 -13.97 -8.47
CA SER B 22 -14.80 -14.77 -7.39
C SER B 22 -13.27 -14.77 -7.38
N ASN B 23 -12.63 -14.63 -8.55
CA ASN B 23 -11.21 -14.87 -8.65
C ASN B 23 -10.34 -13.67 -8.96
N ALA B 24 -10.93 -12.59 -9.47
CA ALA B 24 -10.12 -11.53 -10.09
C ALA B 24 -9.25 -10.81 -9.07
N MET B 25 -9.80 -10.58 -7.88
CA MET B 25 -9.17 -9.65 -6.95
C MET B 25 -8.11 -10.37 -6.16
N LYS B 26 -7.03 -9.67 -5.87
CA LYS B 26 -5.90 -10.26 -5.15
C LYS B 26 -5.98 -9.94 -3.66
N TYR B 27 -5.21 -10.69 -2.86
CA TYR B 27 -5.16 -10.42 -1.42
C TYR B 27 -3.79 -9.82 -1.15
N VAL B 28 -3.72 -8.80 -0.31
CA VAL B 28 -2.45 -8.08 -0.11
C VAL B 28 -2.06 -8.00 1.36
N ASP B 29 -0.84 -8.44 1.68
CA ASP B 29 -0.26 -8.22 3.02
C ASP B 29 0.51 -6.92 2.90
N GLY B 30 0.13 -5.92 3.69
CA GLY B 30 0.78 -4.60 3.68
C GLY B 30 1.69 -4.48 4.89
N PHE B 31 2.84 -3.82 4.71
CA PHE B 31 3.88 -3.65 5.74
C PHE B 31 4.35 -2.19 5.68
N VAL B 32 4.45 -1.51 6.83
CA VAL B 32 5.10 -0.20 6.85
C VAL B 32 6.11 -0.33 7.99
N VAL B 33 7.36 0.05 7.72
CA VAL B 33 8.46 -0.28 8.61
C VAL B 33 9.36 0.94 8.81
N ALA B 34 9.83 1.13 10.06
CA ALA B 34 10.86 2.12 10.34
C ALA B 34 12.22 1.43 10.25
N VAL B 35 13.09 1.94 9.37
CA VAL B 35 14.39 1.33 9.10
C VAL B 35 15.49 2.39 9.27
N PRO B 36 16.59 2.06 9.99
CA PRO B 36 17.71 3.00 10.09
C PRO B 36 18.18 3.39 8.69
N ALA B 37 18.33 4.68 8.43
CA ALA B 37 18.69 5.17 7.08
C ALA B 37 19.99 4.59 6.54
N ASP B 38 20.92 4.29 7.45
CA ASP B 38 22.21 3.72 7.09
C ASP B 38 22.16 2.21 6.84
N LYS B 39 20.97 1.60 7.01
CA LYS B 39 20.80 0.15 6.78
C LYS B 39 20.01 -0.17 5.49
N LYS B 40 19.93 0.79 4.58
CA LYS B 40 19.15 0.65 3.35
C LYS B 40 19.58 -0.56 2.52
N ASP B 41 20.88 -0.70 2.29
CA ASP B 41 21.40 -1.83 1.51
C ASP B 41 21.16 -3.15 2.21
N ALA B 42 21.35 -3.15 3.53
CA ALA B 42 21.14 -4.36 4.33
C ALA B 42 19.68 -4.77 4.19
N TYR B 43 18.80 -3.77 4.27
CA TYR B 43 17.38 -4.01 4.17
C TYR B 43 16.99 -4.51 2.79
N ARG B 44 17.48 -3.85 1.75
CA ARG B 44 17.28 -4.30 0.38
C ARG B 44 17.76 -5.75 0.16
N GLU B 45 18.94 -6.09 0.67
CA GLU B 45 19.46 -7.44 0.43
C GLU B 45 18.71 -8.54 1.21
N MET B 46 18.24 -8.20 2.41
N MET B 46 18.18 -8.21 2.38
CA MET B 46 17.32 -9.06 3.17
CA MET B 46 17.35 -9.17 3.12
C MET B 46 16.10 -9.39 2.32
C MET B 46 15.95 -9.36 2.51
N ALA B 47 15.44 -8.33 1.82
CA ALA B 47 14.21 -8.48 1.05
C ALA B 47 14.43 -9.28 -0.24
N ALA B 48 15.53 -8.99 -0.93
CA ALA B 48 15.92 -9.78 -2.10
C ALA B 48 16.01 -11.27 -1.77
N LYS B 49 16.52 -11.59 -0.58
CA LYS B 49 16.64 -13.00 -0.16
C LYS B 49 15.31 -13.64 0.17
N ALA B 50 14.42 -12.88 0.82
CA ALA B 50 13.11 -13.39 1.21
C ALA B 50 12.19 -13.55 0.02
N ALA B 51 12.29 -12.65 -0.95
CA ALA B 51 11.37 -12.65 -2.09
C ALA B 51 11.17 -14.03 -2.77
N PRO B 52 12.26 -14.72 -3.16
CA PRO B 52 12.15 -16.02 -3.82
C PRO B 52 11.37 -17.04 -3.01
N LEU B 53 11.51 -16.96 -1.69
CA LEU B 53 10.84 -17.89 -0.80
C LEU B 53 9.34 -17.62 -0.76
N PHE B 54 8.96 -16.34 -0.63
CA PHE B 54 7.55 -15.98 -0.68
C PHE B 54 6.92 -16.40 -2.01
N LYS B 55 7.64 -16.18 -3.12
CA LYS B 55 7.10 -16.56 -4.43
C LYS B 55 6.93 -18.07 -4.52
N GLU B 56 7.90 -18.82 -4.01
CA GLU B 56 7.85 -20.28 -3.95
C GLU B 56 6.61 -20.73 -3.18
N PHE B 57 6.23 -19.96 -2.16
CA PHE B 57 5.08 -20.30 -1.31
C PHE B 57 3.75 -19.80 -1.86
N GLY B 58 3.79 -19.13 -2.99
CA GLY B 58 2.55 -18.71 -3.63
C GLY B 58 2.36 -17.22 -3.84
N ALA B 59 3.28 -16.38 -3.35
CA ALA B 59 3.13 -14.94 -3.61
C ALA B 59 3.25 -14.67 -5.11
N LEU B 60 2.50 -13.68 -5.57
CA LEU B 60 2.50 -13.24 -6.96
C LEU B 60 3.58 -12.18 -7.15
N ARG B 61 3.85 -11.40 -6.09
CA ARG B 61 4.76 -10.25 -6.20
C ARG B 61 5.16 -9.79 -4.83
N ILE B 62 6.39 -9.31 -4.68
CA ILE B 62 6.85 -8.74 -3.42
C ILE B 62 7.45 -7.37 -3.76
N VAL B 63 7.00 -6.31 -3.08
CA VAL B 63 7.46 -4.94 -3.39
C VAL B 63 7.95 -4.27 -2.11
N GLU B 64 9.12 -3.63 -2.16
CA GLU B 64 9.62 -2.81 -1.05
C GLU B 64 9.99 -1.45 -1.61
N CYS B 65 9.46 -0.40 -0.98
CA CYS B 65 9.69 0.97 -1.44
C CYS B 65 10.24 1.81 -0.29
N TRP B 66 11.20 2.68 -0.61
CA TRP B 66 11.94 3.46 0.38
C TRP B 66 11.47 4.91 0.32
N ALA B 67 11.23 5.52 1.48
CA ALA B 67 10.77 6.93 1.54
C ALA B 67 11.50 7.84 0.56
N SER B 68 10.72 8.58 -0.21
CA SER B 68 11.26 9.63 -1.12
C SER B 68 10.66 11.00 -0.85
N ASP B 69 9.33 11.08 -0.76
CA ASP B 69 8.67 12.36 -0.48
C ASP B 69 7.58 12.04 0.51
N VAL B 70 7.95 12.01 1.78
CA VAL B 70 7.00 11.64 2.83
C VAL B 70 6.76 12.85 3.73
N PRO B 71 5.62 13.54 3.53
CA PRO B 71 5.36 14.77 4.28
C PRO B 71 5.08 14.51 5.75
N ASP B 72 5.47 15.46 6.61
CA ASP B 72 5.11 15.45 8.03
C ASP B 72 3.73 16.06 8.21
N GLY B 73 3.00 15.55 9.19
CA GLY B 73 1.64 16.02 9.47
C GLY B 73 1.52 16.32 10.96
N LYS B 74 0.41 16.91 11.37
CA LYS B 74 0.24 17.16 12.80
C LYS B 74 -0.68 16.11 13.43
N VAL B 75 -1.62 15.61 12.65
CA VAL B 75 -2.58 14.61 13.12
C VAL B 75 -1.97 13.22 13.00
N THR B 76 -1.65 12.83 11.76
CA THR B 76 -1.06 11.51 11.48
C THR B 76 -0.12 11.70 10.29
N ASP B 77 0.87 10.82 10.14
CA ASP B 77 1.69 10.76 8.92
C ASP B 77 2.46 9.44 8.93
N PHE B 78 3.17 9.14 7.84
CA PHE B 78 3.90 7.87 7.79
C PHE B 78 4.95 7.70 8.85
N ARG B 79 5.62 8.80 9.26
CA ARG B 79 6.64 8.66 10.28
C ARG B 79 6.04 8.31 11.66
N MET B 80 4.94 8.96 11.99
CA MET B 80 4.23 8.70 13.25
C MET B 80 3.65 7.29 13.28
N ALA B 81 3.25 6.81 12.09
CA ALA B 81 2.64 5.49 11.92
C ALA B 81 3.54 4.38 12.42
N VAL B 82 4.85 4.55 12.23
CA VAL B 82 5.84 3.57 12.70
C VAL B 82 6.74 4.15 13.79
N LYS B 83 6.27 5.25 14.37
CA LYS B 83 6.99 5.96 15.41
C LYS B 83 8.48 6.08 15.06
N ALA B 84 8.74 6.59 13.85
CA ALA B 84 10.09 6.67 13.31
C ALA B 84 10.94 7.63 14.12
N GLU B 85 12.20 7.26 14.32
CA GLU B 85 13.19 8.07 15.01
C GLU B 85 14.00 8.85 13.99
N GLU B 86 14.72 9.86 14.46
CA GLU B 86 15.42 10.81 13.58
C GLU B 86 16.36 10.14 12.57
N ASN B 87 16.99 9.05 12.98
CA ASN B 87 17.94 8.34 12.14
C ASN B 87 17.28 7.30 11.21
N GLU B 88 15.96 7.30 11.15
CA GLU B 88 15.25 6.22 10.46
C GLU B 88 14.45 6.78 9.28
N GLU B 89 14.18 5.91 8.30
CA GLU B 89 13.30 6.24 7.17
C GLU B 89 12.12 5.26 7.15
N VAL B 90 11.09 5.58 6.40
CA VAL B 90 9.88 4.72 6.35
C VAL B 90 9.98 3.87 5.08
N VAL B 91 9.68 2.59 5.22
CA VAL B 91 9.56 1.66 4.07
C VAL B 91 8.08 1.31 3.92
N PHE B 92 7.58 1.37 2.69
CA PHE B 92 6.21 1.00 2.34
C PHE B 92 6.33 -0.25 1.47
N SER B 93 5.75 -1.36 1.93
CA SER B 93 6.01 -2.67 1.29
C SER B 93 4.70 -3.48 1.23
N TRP B 94 4.61 -4.39 0.27
CA TRP B 94 3.48 -5.30 0.24
C TRP B 94 3.81 -6.60 -0.49
N ILE B 95 2.97 -7.60 -0.28
CA ILE B 95 3.10 -8.89 -0.96
C ILE B 95 1.72 -9.24 -1.50
N GLU B 96 1.65 -9.56 -2.79
CA GLU B 96 0.36 -9.86 -3.45
C GLU B 96 0.17 -11.36 -3.54
N TYR B 97 -1.07 -11.79 -3.28
CA TYR B 97 -1.43 -13.23 -3.35
C TYR B 97 -2.73 -13.38 -4.13
N PRO B 98 -2.99 -14.59 -4.65
CA PRO B 98 -4.30 -14.82 -5.31
C PRO B 98 -5.50 -14.71 -4.36
N SER B 99 -5.31 -15.05 -3.08
CA SER B 99 -6.44 -15.12 -2.14
C SER B 99 -5.91 -15.13 -0.71
N LYS B 100 -6.81 -14.92 0.24
CA LYS B 100 -6.46 -15.03 1.65
C LYS B 100 -5.93 -16.42 1.97
N GLU B 101 -6.50 -17.45 1.32
CA GLU B 101 -6.04 -18.81 1.58
C GLU B 101 -4.61 -19.04 1.18
N VAL B 102 -4.19 -18.53 0.02
CA VAL B 102 -2.80 -18.66 -0.36
C VAL B 102 -1.91 -17.85 0.58
N ARG B 103 -2.33 -16.63 0.89
CA ARG B 103 -1.62 -15.79 1.87
C ARG B 103 -1.42 -16.54 3.19
N ASP B 104 -2.49 -17.16 3.68
CA ASP B 104 -2.42 -17.86 4.96
C ASP B 104 -1.45 -19.04 4.86
N ALA B 105 -1.54 -19.80 3.76
CA ALA B 105 -0.64 -20.93 3.52
C ALA B 105 0.81 -20.51 3.44
N ALA B 106 1.07 -19.39 2.76
CA ALA B 106 2.41 -18.87 2.56
C ALA B 106 3.02 -18.45 3.89
N ASN B 107 2.22 -17.74 4.68
CA ASN B 107 2.72 -17.29 5.99
C ASN B 107 2.90 -18.46 6.97
N GLN B 108 2.02 -19.45 6.86
CA GLN B 108 2.14 -20.64 7.73
C GLN B 108 3.39 -21.39 7.38
N LYS B 109 3.71 -21.48 6.08
CA LYS B 109 4.97 -22.07 5.63
C LYS B 109 6.14 -21.32 6.22
N MET B 110 6.09 -19.99 6.18
CA MET B 110 7.10 -19.14 6.81
C MET B 110 7.27 -19.42 8.30
N MET B 111 6.17 -19.74 8.99
CA MET B 111 6.20 -19.99 10.45
C MET B 111 6.63 -21.39 10.83
N SER B 112 6.40 -22.35 9.95
CA SER B 112 6.61 -23.76 10.27
C SER B 112 7.95 -24.27 9.78
N ASP B 113 8.42 -23.72 8.67
CA ASP B 113 9.33 -24.48 7.81
C ASP B 113 10.80 -24.06 7.69
N PRO B 114 11.07 -22.85 7.15
CA PRO B 114 12.25 -22.74 6.28
C PRO B 114 13.61 -22.44 6.94
N ARG B 115 14.11 -21.23 6.71
CA ARG B 115 15.48 -20.85 7.01
C ARG B 115 15.53 -19.90 8.21
N PRO B 124 17.59 -5.84 10.49
CA PRO B 124 17.98 -4.47 10.20
C PRO B 124 16.83 -3.47 10.36
N PHE B 125 15.84 -3.81 11.19
CA PHE B 125 14.70 -2.94 11.47
C PHE B 125 13.99 -3.33 12.78
N ASP B 126 13.20 -2.41 13.31
CA ASP B 126 12.52 -2.59 14.59
C ASP B 126 11.15 -3.27 14.41
N GLY B 127 11.11 -4.59 14.65
CA GLY B 127 9.96 -5.45 14.34
C GLY B 127 8.62 -5.16 15.01
N LYS B 128 8.65 -4.50 16.16
CA LYS B 128 7.46 -4.15 16.92
C LYS B 128 6.79 -2.86 16.40
N ARG B 129 7.62 -1.91 15.97
CA ARG B 129 7.13 -0.68 15.40
C ARG B 129 6.61 -0.84 13.97
N MET B 130 7.08 -1.87 13.27
CA MET B 130 6.48 -2.24 11.98
C MET B 130 4.96 -2.34 12.15
N ILE B 131 4.21 -1.90 11.14
CA ILE B 131 2.76 -2.16 11.11
C ILE B 131 2.46 -3.13 9.95
N TYR B 132 1.48 -4.00 10.17
CA TYR B 132 1.27 -5.11 9.26
C TYR B 132 -0.21 -5.44 9.26
N GLY B 133 -0.71 -5.92 8.11
CA GLY B 133 -2.07 -6.42 8.04
C GLY B 133 -2.37 -7.10 6.72
N GLY B 134 -3.38 -7.96 6.74
CA GLY B 134 -3.91 -8.52 5.48
C GLY B 134 -5.13 -7.75 5.00
N PHE B 135 -5.19 -7.51 3.68
CA PHE B 135 -6.24 -6.66 3.09
C PHE B 135 -6.77 -7.30 1.83
N GLU B 136 -8.05 -7.13 1.54
CA GLU B 136 -8.60 -7.65 0.28
C GLU B 136 -8.64 -6.53 -0.74
N SER B 137 -8.11 -6.75 -1.95
CA SER B 137 -8.25 -5.67 -2.96
C SER B 137 -9.70 -5.50 -3.37
N ILE B 138 -10.12 -4.23 -3.46
CA ILE B 138 -11.48 -3.92 -3.90
C ILE B 138 -11.46 -3.12 -5.19
N ILE B 139 -10.31 -2.49 -5.46
CA ILE B 139 -10.05 -1.80 -6.74
C ILE B 139 -8.68 -2.26 -7.22
N ASP B 140 -8.56 -2.62 -8.50
CA ASP B 140 -7.25 -2.93 -9.07
C ASP B 140 -7.30 -2.63 -10.56
N GLU B 141 -6.86 -1.43 -10.90
CA GLU B 141 -7.11 -0.87 -12.21
C GLU B 141 -5.82 -0.42 -12.84
#